data_4I6S
#
_entry.id   4I6S
#
_cell.length_a   103.765
_cell.length_b   103.765
_cell.length_c   100.834
_cell.angle_alpha   90.00
_cell.angle_beta   90.00
_cell.angle_gamma   90.00
#
_symmetry.space_group_name_H-M   'I 41 2 2'
#
loop_
_entity.id
_entity.type
_entity.pdbx_description
1 polymer 'Putative fucose-binding lectin protein'
2 non-polymer alpha-L-fucopyranose
3 non-polymer beta-L-fucopyranose
4 non-polymer 1,2-ETHANEDIOL
5 non-polymer 'TETRAETHYLENE GLYCOL'
6 water water
#
_entity_poly.entity_id   1
_entity_poly.type   'polypeptide(L)'
_entity_poly.pdbx_seq_one_letter_code
;MSSVQTAATSWGTVPSIRVYTANNGKITERCWDGKGWYTGAFNEPGDNVSVTSWLVGSAIHIRVYASTGTTTTEWCADGN
GWTKGAYTATN
;
_entity_poly.pdbx_strand_id   A,B,C
#
loop_
_chem_comp.id
_chem_comp.type
_chem_comp.name
_chem_comp.formula
EDO non-polymer 1,2-ETHANEDIOL 'C2 H6 O2'
FUC L-saccharide, alpha linking alpha-L-fucopyranose 'C6 H12 O5'
FUL L-saccharide, beta linking beta-L-fucopyranose 'C6 H12 O5'
PG4 non-polymer 'TETRAETHYLENE GLYCOL' 'C8 H18 O5'
#
# COMPACT_ATOMS: atom_id res chain seq x y z
N SER A 3 -2.84 -1.15 19.05
N SER A 3 -2.51 -1.15 18.89
CA SER A 3 -2.85 0.04 18.13
CA SER A 3 -2.85 0.09 18.14
C SER A 3 -3.81 -0.24 16.98
C SER A 3 -3.82 -0.22 17.01
N VAL A 4 -4.53 0.79 16.55
CA VAL A 4 -5.40 0.67 15.37
C VAL A 4 -4.54 0.34 14.16
N GLN A 5 -5.17 -0.12 13.09
CA GLN A 5 -4.43 -0.46 11.88
C GLN A 5 -5.08 0.26 10.70
N THR A 6 -4.27 0.96 9.88
CA THR A 6 -4.85 1.77 8.82
C THR A 6 -4.38 1.32 7.44
N ALA A 7 -5.15 1.71 6.45
CA ALA A 7 -4.81 1.55 5.05
C ALA A 7 -5.26 2.79 4.31
N ALA A 8 -4.51 3.19 3.29
CA ALA A 8 -4.78 4.45 2.57
C ALA A 8 -4.69 4.32 1.07
N THR A 9 -5.52 5.04 0.36
CA THR A 9 -5.43 5.15 -1.09
C THR A 9 -5.65 6.60 -1.47
N SER A 10 -5.30 6.95 -2.69
CA SER A 10 -5.53 8.28 -3.19
C SER A 10 -5.61 8.22 -4.72
N TRP A 11 -6.17 9.27 -5.31
CA TRP A 11 -6.31 9.34 -6.75
C TRP A 11 -6.39 10.79 -7.21
N GLY A 12 -5.99 10.96 -8.46
CA GLY A 12 -6.04 12.24 -9.09
C GLY A 12 -4.99 13.14 -8.52
N THR A 13 -5.16 14.41 -8.81
CA THR A 13 -4.15 15.45 -8.50
C THR A 13 -4.61 16.41 -7.43
N VAL A 14 -5.86 16.30 -7.02
CA VAL A 14 -6.40 17.19 -5.95
C VAL A 14 -5.64 17.05 -4.61
N PRO A 15 -5.46 15.84 -4.07
CA PRO A 15 -6.00 14.58 -4.53
C PRO A 15 -7.26 14.29 -3.75
N SER A 16 -7.92 13.18 -4.05
CA SER A 16 -8.79 12.55 -3.10
C SER A 16 -8.01 11.48 -2.37
N ILE A 17 -8.26 11.34 -1.08
CA ILE A 17 -7.61 10.37 -0.20
C ILE A 17 -8.71 9.66 0.58
N ARG A 18 -8.58 8.33 0.79
CA ARG A 18 -9.44 7.61 1.67
C ARG A 18 -8.54 6.84 2.62
N VAL A 19 -8.81 6.97 3.91
CA VAL A 19 -8.09 6.29 4.96
C VAL A 19 -9.03 5.42 5.75
N TYR A 20 -8.75 4.13 5.82
CA TYR A 20 -9.56 3.13 6.49
C TYR A 20 -8.85 2.73 7.75
N THR A 21 -9.61 2.65 8.84
CA THR A 21 -9.04 2.30 10.13
C THR A 21 -9.79 1.10 10.72
N ALA A 22 -9.03 0.06 11.05
CA ALA A 22 -9.55 -1.08 11.82
C ALA A 22 -9.30 -0.78 13.28
N ASN A 23 -10.38 -0.75 14.05
CA ASN A 23 -10.34 -0.42 15.46
C ASN A 23 -11.35 -1.29 16.17
N ASN A 24 -10.87 -2.23 16.97
CA ASN A 24 -11.77 -3.02 17.78
C ASN A 24 -12.77 -3.87 17.00
N GLY A 25 -12.35 -4.36 15.84
CA GLY A 25 -13.20 -5.24 15.03
C GLY A 25 -14.09 -4.52 14.04
N LYS A 26 -13.93 -3.22 13.95
CA LYS A 26 -14.68 -2.42 13.01
C LYS A 26 -13.78 -1.55 12.15
N ILE A 27 -14.10 -1.45 10.87
CA ILE A 27 -13.36 -0.57 9.95
C ILE A 27 -14.24 0.60 9.58
N THR A 28 -13.71 1.81 9.77
CA THR A 28 -14.35 3.05 9.38
C THR A 28 -13.45 3.81 8.38
N GLU A 29 -14.01 4.84 7.77
CA GLU A 29 -13.42 5.52 6.63
C GLU A 29 -13.42 7.02 6.85
N ARG A 30 -12.27 7.62 6.64
CA ARG A 30 -12.13 9.09 6.62
C ARG A 30 -11.71 9.51 5.22
N CYS A 31 -12.28 10.61 4.74
CA CYS A 31 -12.22 11.04 3.39
C CYS A 31 -11.74 12.44 3.23
N TRP A 32 -10.92 12.64 2.21
CA TRP A 32 -10.47 13.97 1.80
C TRP A 32 -10.73 14.16 0.33
N ASP A 33 -11.47 15.22 -0.06
CA ASP A 33 -11.64 15.53 -1.47
C ASP A 33 -11.19 16.98 -1.75
N GLY A 34 -10.29 17.51 -0.90
CA GLY A 34 -9.73 18.86 -1.08
C GLY A 34 -10.26 19.87 -0.07
N LYS A 35 -11.30 19.53 0.66
CA LYS A 35 -12.03 20.59 1.43
C LYS A 35 -12.30 20.16 2.84
N GLY A 36 -11.38 19.42 3.44
CA GLY A 36 -11.57 18.94 4.80
C GLY A 36 -11.85 17.45 4.85
N TRP A 37 -11.46 16.87 5.98
CA TRP A 37 -11.70 15.46 6.28
C TRP A 37 -13.13 15.28 6.72
N TYR A 38 -13.76 14.20 6.24
CA TYR A 38 -15.09 13.86 6.64
C TYR A 38 -15.24 12.39 6.77
N THR A 39 -16.28 11.96 7.46
CA THR A 39 -16.51 10.55 7.63
C THR A 39 -17.25 9.97 6.44
N GLY A 40 -16.64 8.94 5.84
CA GLY A 40 -17.24 8.32 4.70
C GLY A 40 -18.35 7.31 5.06
N ALA A 41 -18.97 6.79 4.02
CA ALA A 41 -20.06 5.82 4.13
C ALA A 41 -19.61 4.42 4.57
N PHE A 42 -18.34 4.09 4.34
CA PHE A 42 -17.89 2.74 4.58
C PHE A 42 -17.82 2.40 6.06
N ASN A 43 -18.55 1.37 6.43
CA ASN A 43 -18.51 0.89 7.80
C ASN A 43 -18.80 -0.59 7.81
N GLU A 44 -17.76 -1.40 8.00
CA GLU A 44 -17.91 -2.86 7.91
C GLU A 44 -17.00 -3.53 8.96
N PRO A 45 -17.35 -4.75 9.36
CA PRO A 45 -16.50 -5.44 10.32
C PRO A 45 -15.12 -5.81 9.73
N GLY A 46 -14.12 -5.75 10.59
CA GLY A 46 -12.83 -6.26 10.25
C GLY A 46 -11.79 -5.91 11.29
N ASP A 47 -10.81 -6.80 11.43
CA ASP A 47 -9.64 -6.55 12.27
C ASP A 47 -8.43 -6.09 11.49
N ASN A 48 -8.47 -6.24 10.17
CA ASN A 48 -7.39 -5.85 9.29
C ASN A 48 -8.03 -5.31 8.02
N VAL A 49 -7.37 -4.32 7.46
CA VAL A 49 -7.79 -3.71 6.23
C VAL A 49 -6.62 -3.45 5.28
N SER A 50 -6.87 -3.67 3.99
CA SER A 50 -6.07 -3.16 2.90
C SER A 50 -6.98 -2.55 1.85
N VAL A 51 -6.40 -1.75 0.95
CA VAL A 51 -7.17 -1.07 -0.05
C VAL A 51 -6.34 -0.85 -1.30
N THR A 52 -7.01 -0.87 -2.46
CA THR A 52 -6.46 -0.38 -3.70
C THR A 52 -7.55 0.34 -4.46
N SER A 53 -7.17 1.20 -5.38
CA SER A 53 -8.11 1.90 -6.22
C SER A 53 -7.51 2.18 -7.59
N TRP A 54 -8.36 2.40 -8.57
CA TRP A 54 -7.94 2.78 -9.91
C TRP A 54 -8.98 3.67 -10.56
N LEU A 55 -8.53 4.51 -11.49
CA LEU A 55 -9.42 5.34 -12.28
C LEU A 55 -9.70 4.76 -13.64
N VAL A 56 -10.94 4.96 -14.06
CA VAL A 56 -11.35 4.72 -15.45
C VAL A 56 -11.83 6.06 -15.94
N GLY A 57 -10.96 6.75 -16.67
CA GLY A 57 -11.20 8.16 -16.99
C GLY A 57 -11.23 8.91 -15.69
N SER A 58 -12.34 9.57 -15.39
CA SER A 58 -12.48 10.31 -14.14
C SER A 58 -13.33 9.57 -13.10
N ALA A 59 -13.67 8.30 -13.34
CA ALA A 59 -14.43 7.50 -12.40
C ALA A 59 -13.49 6.64 -11.53
N ILE A 60 -13.65 6.75 -10.21
CA ILE A 60 -12.84 6.00 -9.25
C ILE A 60 -13.55 4.67 -8.94
N HIS A 61 -12.71 3.65 -8.80
CA HIS A 61 -13.11 2.34 -8.32
C HIS A 61 -12.24 2.00 -7.16
N ILE A 62 -12.85 1.58 -6.07
CA ILE A 62 -12.08 1.23 -4.86
C ILE A 62 -12.40 -0.20 -4.44
N ARG A 63 -11.39 -0.93 -3.98
CA ARG A 63 -11.59 -2.23 -3.41
C ARG A 63 -10.96 -2.24 -2.04
N VAL A 64 -11.75 -2.55 -1.03
CA VAL A 64 -11.29 -2.67 0.35
C VAL A 64 -11.38 -4.14 0.73
N TYR A 65 -10.33 -4.66 1.30
CA TYR A 65 -10.22 -6.05 1.77
C TYR A 65 -10.22 -6.06 3.28
N ALA A 66 -11.31 -6.55 3.83
CA ALA A 66 -11.55 -6.57 5.28
C ALA A 66 -11.44 -7.98 5.79
N SER A 67 -10.60 -8.20 6.78
CA SER A 67 -10.41 -9.55 7.32
C SER A 67 -10.70 -9.62 8.80
N THR A 68 -11.34 -10.73 9.16
CA THR A 68 -11.60 -11.11 10.55
C THR A 68 -11.29 -12.59 10.59
N GLY A 69 -10.40 -13.02 11.49
CA GLY A 69 -9.94 -14.40 11.50
C GLY A 69 -9.28 -14.73 10.18
N THR A 70 -9.68 -15.81 9.55
CA THR A 70 -9.13 -16.15 8.24
C THR A 70 -10.07 -15.80 7.10
N THR A 71 -11.10 -15.00 7.36
CA THR A 71 -12.03 -14.66 6.32
C THR A 71 -11.82 -13.21 5.85
N THR A 72 -11.65 -13.06 4.55
CA THR A 72 -11.46 -11.75 3.93
C THR A 72 -12.63 -11.48 2.98
N THR A 73 -13.29 -10.38 3.20
CA THR A 73 -14.35 -9.89 2.37
C THR A 73 -13.90 -8.68 1.59
N GLU A 74 -14.16 -8.68 0.29
CA GLU A 74 -13.89 -7.56 -0.58
C GLU A 74 -15.12 -6.70 -0.69
N TRP A 75 -14.93 -5.39 -0.49
CA TRP A 75 -15.95 -4.36 -0.63
C TRP A 75 -15.61 -3.47 -1.81
N CYS A 76 -16.60 -3.17 -2.65
CA CYS A 76 -16.42 -2.46 -3.90
C CYS A 76 -17.17 -1.13 -3.92
N ALA A 77 -16.48 -0.06 -4.31
CA ALA A 77 -17.13 1.24 -4.61
C ALA A 77 -16.87 1.51 -6.07
N ASP A 78 -17.93 1.61 -6.86
CA ASP A 78 -17.82 1.80 -8.31
C ASP A 78 -18.73 2.94 -8.76
N GLY A 79 -19.11 3.80 -7.82
CA GLY A 79 -19.91 5.01 -8.08
C GLY A 79 -21.30 5.06 -7.47
N ASN A 80 -21.84 3.92 -7.04
CA ASN A 80 -23.20 3.81 -6.47
C ASN A 80 -23.26 3.29 -5.01
N GLY A 81 -22.24 3.56 -4.20
CA GLY A 81 -22.15 2.92 -2.88
C GLY A 81 -21.58 1.48 -2.82
N TRP A 82 -21.38 0.98 -1.60
CA TRP A 82 -20.54 -0.19 -1.41
C TRP A 82 -21.26 -1.50 -1.58
N THR A 83 -20.64 -2.42 -2.36
CA THR A 83 -21.19 -3.73 -2.63
C THR A 83 -20.15 -4.82 -2.35
N LYS A 84 -20.60 -6.00 -1.94
CA LYS A 84 -19.67 -7.10 -1.71
C LYS A 84 -19.12 -7.61 -3.03
N GLY A 85 -17.79 -7.79 -3.10
CA GLY A 85 -17.18 -8.35 -4.31
C GLY A 85 -17.03 -9.85 -4.35
N ALA A 86 -16.55 -10.35 -5.46
CA ALA A 86 -16.41 -11.78 -5.70
C ALA A 86 -15.18 -12.42 -5.07
N TYR A 87 -14.27 -11.59 -4.56
CA TYR A 87 -13.04 -12.12 -4.00
C TYR A 87 -13.28 -13.20 -2.95
N THR A 88 -12.54 -14.29 -3.10
CA THR A 88 -12.38 -15.27 -2.03
C THR A 88 -10.89 -15.54 -1.87
N ALA A 89 -10.50 -15.85 -0.64
CA ALA A 89 -9.12 -16.03 -0.28
C ALA A 89 -8.64 -17.36 -0.75
N THR A 90 -9.59 -18.29 -0.91
CA THR A 90 -9.34 -19.58 -1.49
C THR A 90 -9.41 -20.67 -0.42
N SER B 2 -4.24 -14.35 15.24
CA SER B 2 -5.34 -13.34 15.26
C SER B 2 -6.08 -13.31 13.92
N SER B 3 -6.10 -12.16 13.23
CA SER B 3 -6.67 -12.08 11.90
C SER B 3 -5.52 -12.11 10.90
N VAL B 4 -5.80 -12.68 9.76
CA VAL B 4 -4.89 -12.55 8.62
C VAL B 4 -4.65 -11.11 8.27
N GLN B 5 -3.55 -10.89 7.60
CA GLN B 5 -3.20 -9.53 7.23
CA GLN B 5 -3.10 -9.54 7.24
C GLN B 5 -2.99 -9.48 5.72
N THR B 6 -3.57 -8.45 5.09
CA THR B 6 -3.49 -8.38 3.65
C THR B 6 -2.83 -7.11 3.11
N ALA B 7 -2.50 -7.14 1.84
CA ALA B 7 -1.97 -6.01 1.10
C ALA B 7 -2.52 -6.15 -0.30
N ALA B 8 -2.81 -5.07 -0.96
CA ALA B 8 -3.37 -5.10 -2.28
C ALA B 8 -2.74 -4.09 -3.22
N THR B 9 -2.65 -4.40 -4.50
CA THR B 9 -2.23 -3.48 -5.54
C THR B 9 -3.07 -3.73 -6.76
N SER B 10 -3.10 -2.77 -7.68
CA SER B 10 -3.89 -2.90 -8.89
C SER B 10 -3.24 -2.06 -9.96
N TRP B 11 -3.56 -2.35 -11.21
CA TRP B 11 -3.05 -1.57 -12.35
C TRP B 11 -3.98 -1.67 -13.53
N GLY B 12 -3.87 -0.67 -14.39
CA GLY B 12 -4.66 -0.56 -15.58
C GLY B 12 -6.10 -0.24 -15.32
N THR B 13 -6.95 -0.46 -16.33
CA THR B 13 -8.38 -0.18 -16.22
C THR B 13 -9.26 -1.39 -16.28
N VAL B 14 -8.69 -2.58 -16.48
CA VAL B 14 -9.51 -3.77 -16.54
C VAL B 14 -10.26 -3.96 -15.21
N PRO B 15 -9.57 -3.91 -14.05
CA PRO B 15 -8.12 -3.81 -13.80
C PRO B 15 -7.56 -5.19 -13.57
N SER B 16 -6.26 -5.20 -13.37
CA SER B 16 -5.64 -6.31 -12.67
C SER B 16 -5.47 -5.94 -11.22
N ILE B 17 -5.73 -6.90 -10.34
CA ILE B 17 -5.59 -6.76 -8.90
C ILE B 17 -4.76 -7.91 -8.36
N ARG B 18 -3.89 -7.67 -7.39
CA ARG B 18 -3.23 -8.71 -6.64
C ARG B 18 -3.43 -8.45 -5.17
N VAL B 19 -3.83 -9.46 -4.43
CA VAL B 19 -4.10 -9.43 -3.02
C VAL B 19 -3.21 -10.48 -2.37
N TYR B 20 -2.34 -10.02 -1.47
CA TYR B 20 -1.37 -10.83 -0.70
C TYR B 20 -1.96 -11.01 0.68
N THR B 21 -1.97 -12.23 1.20
CA THR B 21 -2.47 -12.57 2.55
C THR B 21 -1.41 -13.30 3.36
N ALA B 22 -1.06 -12.71 4.50
CA ALA B 22 -0.22 -13.40 5.49
C ALA B 22 -1.12 -14.14 6.47
N ASN B 23 -0.96 -15.44 6.56
CA ASN B 23 -1.82 -16.27 7.38
C ASN B 23 -0.90 -17.30 7.99
N ASN B 24 -0.75 -17.18 9.31
CA ASN B 24 0.00 -18.15 10.07
C ASN B 24 1.40 -18.34 9.50
N GLY B 25 2.03 -17.22 9.21
CA GLY B 25 3.40 -17.24 8.81
C GLY B 25 3.71 -17.46 7.34
N LYS B 26 2.68 -17.56 6.51
CA LYS B 26 2.89 -17.76 5.08
C LYS B 26 2.08 -16.72 4.32
N ILE B 27 2.69 -16.20 3.25
CA ILE B 27 2.00 -15.22 2.38
C ILE B 27 1.71 -15.92 1.07
N THR B 28 0.45 -15.82 0.68
CA THR B 28 -0.01 -16.29 -0.61
C THR B 28 -0.71 -15.15 -1.37
N GLU B 29 -1.04 -15.40 -2.63
CA GLU B 29 -1.45 -14.36 -3.59
C GLU B 29 -2.69 -14.81 -4.32
N ARG B 30 -3.65 -13.92 -4.42
CA ARG B 30 -4.83 -14.11 -5.24
C ARG B 30 -4.85 -12.99 -6.26
N CYS B 31 -5.31 -13.33 -7.46
CA CYS B 31 -5.13 -12.52 -8.66
C CYS B 31 -6.42 -12.38 -9.41
N TRP B 32 -6.66 -11.17 -9.91
CA TRP B 32 -7.76 -10.86 -10.84
C TRP B 32 -7.18 -10.15 -12.06
N ASP B 33 -7.48 -10.65 -13.27
CA ASP B 33 -7.12 -10.01 -14.50
C ASP B 33 -8.34 -9.82 -15.40
N GLY B 34 -9.50 -9.74 -14.79
CA GLY B 34 -10.74 -9.51 -15.52
C GLY B 34 -11.66 -10.67 -15.62
N LYS B 35 -11.22 -11.86 -15.26
CA LYS B 35 -11.92 -13.11 -15.67
C LYS B 35 -12.10 -14.06 -14.53
N GLY B 36 -12.04 -13.59 -13.30
CA GLY B 36 -12.18 -14.48 -12.17
C GLY B 36 -10.94 -14.48 -11.31
N TRP B 37 -11.11 -14.75 -10.03
CA TRP B 37 -9.96 -14.83 -9.14
C TRP B 37 -9.25 -16.17 -9.26
N TYR B 38 -7.92 -16.12 -9.20
CA TYR B 38 -7.10 -17.33 -9.27
C TYR B 38 -5.93 -17.15 -8.33
N THR B 39 -5.38 -18.26 -7.90
CA THR B 39 -4.22 -18.28 -7.03
C THR B 39 -2.98 -18.04 -7.84
N GLY B 40 -2.22 -17.05 -7.38
CA GLY B 40 -0.98 -16.71 -8.07
C GLY B 40 0.22 -17.54 -7.65
N ALA B 41 1.33 -17.24 -8.32
CA ALA B 41 2.59 -17.92 -8.08
C ALA B 41 3.26 -17.55 -6.77
N PHE B 42 3.03 -16.36 -6.24
CA PHE B 42 3.78 -15.94 -5.05
C PHE B 42 3.48 -16.78 -3.85
N ASN B 43 4.51 -17.33 -3.19
CA ASN B 43 4.30 -18.12 -1.99
C ASN B 43 5.61 -18.07 -1.22
N GLU B 44 5.65 -17.26 -0.17
CA GLU B 44 6.88 -17.07 0.61
C GLU B 44 6.49 -16.81 2.06
N PRO B 45 7.42 -17.03 2.98
CA PRO B 45 7.09 -16.81 4.40
C PRO B 45 6.89 -15.35 4.77
N GLY B 46 6.06 -15.09 5.78
CA GLY B 46 5.88 -13.77 6.33
C GLY B 46 4.66 -13.73 7.24
N ASP B 47 4.77 -12.87 8.25
CA ASP B 47 3.69 -12.55 9.18
C ASP B 47 3.00 -11.26 8.81
N ASN B 48 3.71 -10.39 8.08
CA ASN B 48 3.23 -9.07 7.67
C ASN B 48 3.63 -8.88 6.22
N VAL B 49 2.78 -8.19 5.49
CA VAL B 49 3.00 -7.94 4.08
C VAL B 49 2.58 -6.54 3.69
N SER B 50 3.40 -5.94 2.85
CA SER B 50 3.00 -4.78 2.06
C SER B 50 3.39 -4.95 0.60
N VAL B 51 2.87 -4.11 -0.27
CA VAL B 51 3.11 -4.23 -1.70
C VAL B 51 3.01 -2.89 -2.38
N THR B 52 3.78 -2.75 -3.44
CA THR B 52 3.61 -1.66 -4.39
C THR B 52 3.90 -2.19 -5.80
N SER B 53 3.41 -1.53 -6.83
CA SER B 53 3.66 -1.91 -8.18
C SER B 53 3.66 -0.68 -9.09
N TRP B 54 4.31 -0.82 -10.24
CA TRP B 54 4.34 0.24 -11.24
C TRP B 54 4.40 -0.37 -12.64
N LEU B 55 3.90 0.39 -13.61
CA LEU B 55 3.94 0.01 -15.00
C LEU B 55 5.11 0.73 -15.70
N VAL B 56 5.79 -0.03 -16.55
CA VAL B 56 6.76 0.55 -17.51
C VAL B 56 6.12 0.16 -18.84
N GLY B 57 5.47 1.12 -19.48
CA GLY B 57 4.62 0.80 -20.59
C GLY B 57 3.49 -0.12 -20.15
N SER B 58 3.42 -1.29 -20.78
CA SER B 58 2.40 -2.27 -20.41
C SER B 58 2.97 -3.35 -19.49
N ALA B 59 4.24 -3.24 -19.10
CA ALA B 59 4.87 -4.25 -18.21
C ALA B 59 4.68 -3.87 -16.76
N ILE B 60 4.04 -4.76 -16.01
CA ILE B 60 3.93 -4.56 -14.56
C ILE B 60 5.17 -5.06 -13.84
N HIS B 61 5.52 -4.31 -12.79
CA HIS B 61 6.57 -4.66 -11.85
C HIS B 61 5.97 -4.56 -10.49
N ILE B 62 6.20 -5.58 -9.68
CA ILE B 62 5.62 -5.70 -8.33
C ILE B 62 6.72 -5.90 -7.33
N ARG B 63 6.63 -5.21 -6.19
CA ARG B 63 7.49 -5.46 -5.05
C ARG B 63 6.64 -5.75 -3.83
N VAL B 64 6.92 -6.91 -3.22
CA VAL B 64 6.23 -7.37 -2.02
C VAL B 64 7.25 -7.34 -0.90
N TYR B 65 6.91 -6.74 0.21
CA TYR B 65 7.75 -6.68 1.40
C TYR B 65 7.16 -7.56 2.46
N ALA B 66 7.85 -8.65 2.70
CA ALA B 66 7.44 -9.71 3.62
C ALA B 66 8.23 -9.69 4.89
N SER B 67 7.57 -9.57 6.04
CA SER B 67 8.30 -9.47 7.29
C SER B 67 7.96 -10.62 8.21
N THR B 68 9.01 -11.17 8.82
CA THR B 68 8.89 -12.10 9.94
C THR B 68 9.88 -11.62 11.00
N GLY B 69 9.43 -11.43 12.23
CA GLY B 69 10.31 -10.84 13.23
C GLY B 69 10.77 -9.46 12.82
N THR B 70 12.08 -9.23 12.89
CA THR B 70 12.63 -7.96 12.46
C THR B 70 13.23 -8.04 11.06
N THR B 71 12.94 -9.11 10.33
CA THR B 71 13.51 -9.30 9.00
C THR B 71 12.46 -9.04 7.94
N THR B 72 12.72 -8.07 7.08
CA THR B 72 11.85 -7.79 5.95
C THR B 72 12.59 -8.18 4.71
N THR B 73 11.97 -9.03 3.91
CA THR B 73 12.52 -9.45 2.61
C THR B 73 11.67 -8.86 1.50
N GLU B 74 12.32 -8.30 0.50
CA GLU B 74 11.69 -7.80 -0.70
C GLU B 74 11.66 -8.87 -1.77
N TRP B 75 10.48 -9.10 -2.36
CA TRP B 75 10.29 -10.03 -3.45
C TRP B 75 9.91 -9.25 -4.68
N CYS B 76 10.47 -9.62 -5.83
CA CYS B 76 10.40 -8.83 -7.04
C CYS B 76 9.78 -9.63 -8.15
N ALA B 77 8.78 -9.08 -8.82
CA ALA B 77 8.19 -9.67 -10.00
C ALA B 77 8.41 -8.70 -11.13
N ASP B 78 9.30 -9.13 -12.04
CA ASP B 78 9.70 -8.33 -13.20
C ASP B 78 9.58 -9.11 -14.49
N GLY B 79 8.99 -10.30 -14.42
CA GLY B 79 8.90 -11.25 -15.57
C GLY B 79 9.79 -12.46 -15.55
N ASN B 80 10.63 -12.59 -14.54
CA ASN B 80 11.54 -13.72 -14.37
C ASN B 80 11.13 -14.61 -13.15
N GLY B 81 9.84 -14.67 -12.82
CA GLY B 81 9.41 -15.34 -11.56
C GLY B 81 9.63 -14.33 -10.42
N TRP B 82 9.42 -14.77 -9.22
CA TRP B 82 9.67 -13.96 -8.05
C TRP B 82 11.11 -14.10 -7.56
N THR B 83 11.84 -13.01 -7.50
CA THR B 83 13.20 -13.04 -7.02
C THR B 83 13.42 -12.14 -5.84
N LYS B 84 14.46 -12.38 -5.07
CA LYS B 84 14.75 -11.62 -3.87
C LYS B 84 15.46 -10.36 -4.22
N GLY B 85 14.92 -9.27 -3.76
CA GLY B 85 15.50 -7.94 -4.02
C GLY B 85 16.56 -7.48 -3.03
N ALA B 86 17.18 -6.38 -3.36
CA ALA B 86 18.27 -5.83 -2.58
C ALA B 86 17.85 -5.05 -1.35
N TYR B 87 16.57 -4.82 -1.14
CA TYR B 87 16.14 -4.09 0.03
C TYR B 87 16.70 -4.66 1.35
N THR B 88 17.20 -3.77 2.20
CA THR B 88 17.43 -4.09 3.61
C THR B 88 16.84 -2.96 4.47
N ALA B 89 16.49 -3.27 5.72
CA ALA B 89 15.74 -2.32 6.57
C ALA B 89 16.67 -1.28 7.18
N THR B 90 17.96 -1.58 7.22
CA THR B 90 18.97 -0.65 7.77
C THR B 90 20.27 -0.73 6.96
N ASN B 91 21.09 0.31 7.09
CA ASN B 91 22.50 0.24 6.68
C ASN B 91 23.29 -0.76 7.55
N SER C 3 5.98 -9.29 14.69
N SER C 3 6.04 -9.23 14.80
CA SER C 3 6.89 -8.84 13.59
CA SER C 3 6.90 -8.83 13.66
C SER C 3 6.71 -7.36 13.29
C SER C 3 6.72 -7.36 13.31
N VAL C 4 7.73 -6.79 12.66
CA VAL C 4 7.66 -5.41 12.21
C VAL C 4 6.53 -5.34 11.16
N GLN C 5 6.04 -4.14 10.95
CA GLN C 5 4.94 -3.90 10.03
C GLN C 5 5.41 -2.81 9.05
N THR C 6 5.13 -3.04 7.75
CA THR C 6 5.62 -2.13 6.74
C THR C 6 4.47 -1.59 5.87
N ALA C 7 4.81 -0.50 5.20
CA ALA C 7 3.96 0.11 4.17
C ALA C 7 4.87 0.59 3.07
N ALA C 8 4.42 0.50 1.85
CA ALA C 8 5.23 0.83 0.68
C ALA C 8 4.46 1.66 -0.32
N THR C 9 5.19 2.56 -0.98
CA THR C 9 4.65 3.33 -2.11
C THR C 9 5.71 3.53 -3.15
N SER C 10 5.31 3.81 -4.38
CA SER C 10 6.30 4.02 -5.46
C SER C 10 5.69 4.98 -6.49
N TRP C 11 6.56 5.53 -7.33
CA TRP C 11 6.08 6.42 -8.36
C TRP C 11 7.06 6.44 -9.50
N GLY C 12 6.55 6.87 -10.63
CA GLY C 12 7.32 6.96 -11.85
C GLY C 12 7.67 5.59 -12.38
N THR C 13 8.64 5.55 -13.27
CA THR C 13 9.02 4.32 -13.95
C THR C 13 10.49 3.93 -13.64
N VAL C 14 11.23 4.71 -12.88
CA VAL C 14 12.57 4.32 -12.46
C VAL C 14 12.55 2.95 -11.71
N PRO C 15 11.74 2.79 -10.67
CA PRO C 15 10.91 3.77 -9.99
C PRO C 15 11.58 4.37 -8.81
N SER C 16 10.92 5.31 -8.11
CA SER C 16 11.26 5.63 -6.73
C SER C 16 10.33 4.78 -5.84
N ILE C 17 10.89 4.23 -4.78
CA ILE C 17 10.12 3.49 -3.79
C ILE C 17 10.41 4.03 -2.42
N ARG C 18 9.40 4.07 -1.55
CA ARG C 18 9.57 4.35 -0.15
C ARG C 18 8.92 3.28 0.67
N VAL C 19 9.66 2.72 1.61
CA VAL C 19 9.19 1.68 2.51
C VAL C 19 9.33 2.17 3.92
N TYR C 20 8.21 2.15 4.64
CA TYR C 20 8.10 2.59 6.03
C TYR C 20 7.94 1.36 6.86
N THR C 21 8.68 1.33 8.00
CA THR C 21 8.67 0.20 8.91
C THR C 21 8.39 0.69 10.31
N ALA C 22 7.30 0.17 10.88
CA ALA C 22 7.04 0.30 12.33
C ALA C 22 7.72 -0.86 13.08
N ASN C 23 8.59 -0.51 14.03
CA ASN C 23 9.38 -1.48 14.80
C ASN C 23 9.59 -0.88 16.19
N ASN C 24 9.04 -1.54 17.20
CA ASN C 24 9.24 -1.10 18.58
C ASN C 24 8.77 0.33 18.80
N GLY C 25 7.66 0.69 18.18
CA GLY C 25 7.10 2.03 18.36
C GLY C 25 7.70 3.17 17.59
N LYS C 26 8.65 2.86 16.69
CA LYS C 26 9.26 3.86 15.84
C LYS C 26 9.05 3.47 14.38
N ILE C 27 8.76 4.48 13.57
CA ILE C 27 8.63 4.30 12.13
C ILE C 27 9.81 4.94 11.46
N THR C 28 10.50 4.17 10.62
CA THR C 28 11.63 4.64 9.86
C THR C 28 11.35 4.42 8.37
N GLU C 29 12.16 5.05 7.54
CA GLU C 29 11.93 5.12 6.08
C GLU C 29 13.19 4.69 5.34
N ARG C 30 13.01 3.75 4.43
CA ARG C 30 14.03 3.40 3.48
C ARG C 30 13.61 3.78 2.06
N CYS C 31 14.58 4.20 1.26
CA CYS C 31 14.33 4.85 0.03
C CYS C 31 15.13 4.28 -1.11
N TRP C 32 14.51 4.20 -2.29
CA TRP C 32 15.17 3.75 -3.53
C TRP C 32 14.81 4.72 -4.62
N ASP C 33 15.82 5.29 -5.32
CA ASP C 33 15.55 6.11 -6.48
C ASP C 33 16.38 5.63 -7.69
N GLY C 34 16.73 4.36 -7.69
CA GLY C 34 17.43 3.78 -8.83
C GLY C 34 18.88 3.49 -8.56
N LYS C 35 19.42 4.00 -7.45
CA LYS C 35 20.88 3.98 -7.21
C LYS C 35 21.25 3.46 -5.84
N GLY C 36 20.41 2.58 -5.26
CA GLY C 36 20.69 1.91 -3.98
C GLY C 36 19.71 2.36 -2.91
N TRP C 37 19.56 1.55 -1.89
CA TRP C 37 18.71 1.84 -0.74
C TRP C 37 19.42 2.76 0.23
N TYR C 38 18.70 3.73 0.73
CA TYR C 38 19.24 4.64 1.73
C TYR C 38 18.18 5.00 2.74
N THR C 39 18.60 5.39 3.93
CA THR C 39 17.69 5.72 5.00
C THR C 39 17.18 7.18 4.78
N GLY C 40 15.85 7.34 4.76
CA GLY C 40 15.21 8.60 4.59
C GLY C 40 15.11 9.46 5.86
N ALA C 41 14.63 10.65 5.66
CA ALA C 41 14.46 11.62 6.76
C ALA C 41 13.33 11.24 7.73
N PHE C 42 12.31 10.51 7.23
CA PHE C 42 11.16 10.25 8.05
C PHE C 42 11.48 9.39 9.26
N ASN C 43 11.25 9.93 10.44
CA ASN C 43 11.43 9.18 11.66
C ASN C 43 10.45 9.74 12.68
N GLU C 44 9.40 9.00 12.94
CA GLU C 44 8.35 9.45 13.83
C GLU C 44 7.78 8.27 14.59
N PRO C 45 7.17 8.54 15.73
CA PRO C 45 6.62 7.45 16.51
C PRO C 45 5.42 6.81 15.86
N GLY C 46 5.26 5.50 16.10
CA GLY C 46 4.13 4.76 15.62
C GLY C 46 4.29 3.27 15.76
N ASP C 47 3.20 2.59 16.06
CA ASP C 47 3.12 1.14 16.09
C ASP C 47 2.55 0.56 14.80
N ASN C 48 1.95 1.43 13.98
CA ASN C 48 1.32 1.00 12.73
C ASN C 48 1.53 2.11 11.72
N VAL C 49 1.73 1.74 10.45
CA VAL C 49 1.91 2.72 9.41
C VAL C 49 1.18 2.30 8.14
N SER C 50 0.62 3.30 7.48
CA SER C 50 0.19 3.18 6.07
C SER C 50 0.65 4.40 5.29
N VAL C 51 0.65 4.31 3.96
CA VAL C 51 1.12 5.37 3.14
C VAL C 51 0.35 5.41 1.84
N THR C 52 0.22 6.62 1.29
CA THR C 52 -0.17 6.78 -0.09
C THR C 52 0.58 7.92 -0.72
N SER C 53 0.64 8.00 -2.02
CA SER C 53 1.39 9.07 -2.70
C SER C 53 0.75 9.33 -4.06
N TRP C 54 0.93 10.54 -4.59
CA TRP C 54 0.40 10.91 -5.89
C TRP C 54 1.37 11.94 -6.54
N LEU C 55 1.39 11.93 -7.87
CA LEU C 55 2.15 12.87 -8.66
C LEU C 55 1.26 14.03 -9.06
N VAL C 56 1.86 15.20 -9.06
CA VAL C 56 1.31 16.39 -9.73
C VAL C 56 2.43 16.87 -10.65
N GLY C 57 2.33 16.47 -11.91
CA GLY C 57 3.45 16.66 -12.83
C GLY C 57 4.59 15.78 -12.37
N SER C 58 5.77 16.39 -12.21
N SER C 58 5.78 16.34 -12.20
CA SER C 58 6.98 15.69 -11.78
CA SER C 58 6.92 15.54 -11.75
C SER C 58 7.03 15.57 -10.26
C SER C 58 7.05 15.58 -10.24
N ALA C 59 6.21 16.36 -9.56
CA ALA C 59 6.30 16.45 -8.12
C ALA C 59 5.56 15.30 -7.47
N ILE C 60 6.24 14.63 -6.57
CA ILE C 60 5.61 13.62 -5.72
C ILE C 60 5.09 14.25 -4.43
N HIS C 61 3.94 13.75 -3.96
CA HIS C 61 3.31 14.13 -2.72
C HIS C 61 3.05 12.83 -1.95
N ILE C 62 3.47 12.76 -0.70
CA ILE C 62 3.39 11.55 0.14
C ILE C 62 2.61 11.86 1.40
N ARG C 63 1.71 10.98 1.83
CA ARG C 63 1.08 11.03 3.12
C ARG C 63 1.32 9.73 3.85
N VAL C 64 1.87 9.83 5.06
CA VAL C 64 2.15 8.70 5.90
C VAL C 64 1.21 8.80 7.10
N TYR C 65 0.53 7.72 7.43
CA TYR C 65 -0.45 7.65 8.54
C TYR C 65 0.14 6.78 9.63
N ALA C 66 0.57 7.44 10.72
CA ALA C 66 1.27 6.79 11.81
C ALA C 66 0.32 6.69 12.98
N SER C 67 0.13 5.47 13.49
CA SER C 67 -0.79 5.27 14.59
C SER C 67 -0.11 4.70 15.81
N THR C 68 -0.46 5.29 16.96
CA THR C 68 -0.13 4.73 18.26
C THR C 68 -1.43 4.75 19.06
N GLY C 69 -1.80 3.61 19.62
CA GLY C 69 -3.08 3.46 20.24
C GLY C 69 -4.20 3.75 19.28
N THR C 70 -5.14 4.63 19.66
CA THR C 70 -6.19 5.10 18.76
C THR C 70 -5.90 6.43 18.04
N THR C 71 -4.68 6.89 18.15
CA THR C 71 -4.31 8.19 17.61
C THR C 71 -3.52 7.99 16.33
N THR C 72 -4.07 8.48 15.23
CA THR C 72 -3.38 8.47 13.97
C THR C 72 -2.99 9.90 13.59
N THR C 73 -1.70 10.08 13.30
CA THR C 73 -1.13 11.32 12.83
C THR C 73 -0.74 11.16 11.37
N GLU C 74 -1.18 12.13 10.55
CA GLU C 74 -0.78 12.22 9.16
C GLU C 74 0.43 13.08 9.04
N TRP C 75 1.41 12.59 8.27
CA TRP C 75 2.60 13.30 7.95
C TRP C 75 2.70 13.55 6.46
N CYS C 76 3.15 14.74 6.06
CA CYS C 76 3.07 15.23 4.69
C CYS C 76 4.43 15.66 4.19
N ALA C 77 4.79 15.25 2.97
CA ALA C 77 5.94 15.78 2.26
C ALA C 77 5.64 15.89 0.78
N ASP C 78 6.43 16.68 0.01
CA ASP C 78 6.27 16.70 -1.44
C ASP C 78 7.49 17.27 -2.10
N GLY C 79 7.65 17.04 -3.39
CA GLY C 79 8.70 17.76 -4.12
C GLY C 79 9.17 17.11 -5.38
N ASN C 80 10.20 17.72 -5.96
CA ASN C 80 10.83 17.27 -7.17
C ASN C 80 12.20 16.74 -6.86
N GLY C 81 12.46 15.51 -7.28
CA GLY C 81 13.73 14.85 -7.11
C GLY C 81 14.79 15.44 -8.02
N TRP C 82 16.04 14.99 -7.88
CA TRP C 82 17.17 15.60 -8.59
C TRP C 82 17.08 15.45 -10.09
N THR C 83 17.23 16.56 -10.80
CA THR C 83 17.30 16.54 -12.27
C THR C 83 18.35 17.50 -12.77
N LYS C 84 18.86 17.28 -13.98
CA LYS C 84 19.80 18.20 -14.56
C LYS C 84 19.15 19.51 -14.98
N GLY C 85 19.81 20.62 -14.68
CA GLY C 85 19.30 21.92 -14.99
C GLY C 85 19.84 22.47 -16.29
N ALA C 86 19.36 23.64 -16.65
CA ALA C 86 19.74 24.31 -17.89
C ALA C 86 21.15 24.89 -17.92
N TYR C 87 21.82 25.03 -16.76
CA TYR C 87 23.07 25.73 -16.76
C TYR C 87 24.07 25.19 -17.74
N THR C 88 24.66 26.12 -18.45
CA THR C 88 25.84 25.86 -19.26
C THR C 88 26.88 26.93 -18.97
N ALA C 89 28.14 26.61 -19.17
CA ALA C 89 29.21 27.57 -18.92
C ALA C 89 29.44 28.55 -20.08
N THR C 90 28.82 28.26 -21.23
CA THR C 90 28.96 29.03 -22.50
C THR C 90 29.97 30.17 -22.44
C1 FUC D . -17.44 9.02 -0.46
C2 FUC D . -17.49 8.05 0.67
C3 FUC D . -17.60 6.56 0.17
C4 FUC D . -16.51 6.46 -0.94
C5 FUC D . -16.63 7.44 -2.08
C6 FUC D . -15.61 7.33 -3.18
O1 FUC D . -18.71 9.15 -1.09
O2 FUC D . -18.54 8.39 1.61
O3 FUC D . -17.52 5.79 1.29
O4 FUC D . -15.23 6.59 -0.30
O5 FUC D . -16.50 8.78 -1.48
C1 FUC E . -15.83 -6.85 -9.27
C2 FUC E . -15.59 -7.77 -8.10
C3 FUC E . -14.30 -8.55 -8.31
C4 FUC E . -13.19 -7.55 -8.70
C5 FUC E . -13.54 -6.75 -9.94
C6 FUC E . -12.50 -5.77 -10.42
O1 FUC E . -16.21 -7.65 -10.38
O2 FUC E . -16.67 -8.65 -7.85
O3 FUC E . -14.02 -9.37 -7.24
O4 FUC E . -12.93 -6.72 -7.59
O5 FUC E . -14.76 -6.03 -9.64
C1 FUL F . -15.84 -6.93 -9.39
C2 FUL F . -15.59 -7.77 -8.15
O2 FUL F . -16.68 -8.65 -7.84
C3 FUL F . -14.30 -8.56 -8.34
O3 FUL F . -14.02 -9.36 -7.21
C4 FUL F . -13.19 -7.56 -8.72
O4 FUL F . -12.93 -6.72 -7.58
C5 FUL F . -13.54 -6.73 -9.95
C6 FUL F . -12.48 -5.75 -10.39
O5 FUL F . -14.78 -6.03 -9.65
O1 FUL F . -17.04 -6.17 -9.20
C1 FUC G . 0.43 -13.82 -12.19
C2 FUC G . 0.85 -14.27 -10.82
C3 FUC G . 2.24 -13.79 -10.45
C4 FUC G . 2.27 -12.25 -10.63
C5 FUC G . 1.89 -11.93 -12.06
C6 FUC G . 1.91 -10.41 -12.30
O1 FUC G . 1.24 -14.43 -13.19
O2 FUC G . 0.83 -15.73 -10.79
O3 FUC G . 2.58 -14.17 -9.12
O4 FUC G . 1.29 -11.64 -9.78
O5 FUC G . 0.57 -12.42 -12.35
C1 FUC H . 15.61 -4.24 -7.87
C2 FUC H . 15.70 -4.55 -6.39
C3 FUC H . 15.70 -3.26 -5.59
C4 FUC H . 14.53 -2.38 -6.05
C5 FUC H . 14.58 -2.15 -7.54
C6 FUC H . 13.41 -1.32 -8.05
O1 FUC H . 16.80 -3.62 -8.31
O2 FUC H . 16.87 -5.32 -6.12
O3 FUC H . 15.77 -3.52 -4.22
O4 FUC H . 13.30 -3.03 -5.71
O5 FUC H . 14.52 -3.40 -8.21
C1 FUL I . 15.66 -4.14 -7.97
C2 FUL I . 15.72 -4.52 -6.50
O2 FUL I . 16.89 -5.32 -6.21
C3 FUL I . 15.71 -3.25 -5.64
O3 FUL I . 15.76 -3.54 -4.25
C4 FUL I . 14.53 -2.37 -6.07
O4 FUL I . 13.29 -3.03 -5.71
C5 FUL I . 14.52 -2.10 -7.56
C6 FUL I . 13.33 -1.31 -8.05
O5 FUL I . 14.50 -3.36 -8.28
O1 FUL I . 15.65 -5.28 -8.84
C1 EDO J . 5.78 -10.53 -13.82
O1 EDO J . 5.72 -9.19 -13.25
C2 EDO J . 6.09 -11.75 -12.92
O2 EDO J . 7.51 -12.19 -12.71
O1 PG4 K . -0.57 -18.41 -14.48
C1 PG4 K . -0.14 -18.05 -13.13
C2 PG4 K . -0.67 -18.91 -11.96
O2 PG4 K . 0.35 -19.79 -11.48
C3 PG4 K . 0.14 -20.34 -10.20
C4 PG4 K . 1.27 -21.32 -9.90
O3 PG4 K . 2.47 -20.68 -10.18
C5 PG4 K . 3.61 -21.46 -9.93
C6 PG4 K . 4.24 -21.34 -11.30
O4 PG4 K . 5.48 -20.68 -11.21
C1 FUC L . -2.83 18.68 3.38
C2 FUC L . -3.21 17.95 4.66
C3 FUC L . -4.52 17.18 4.49
C4 FUC L . -4.40 16.31 3.23
C5 FUC L . -4.04 17.19 2.05
C6 FUC L . -3.96 16.43 0.72
O1 FUC L . -3.75 19.71 3.01
O2 FUC L . -3.29 18.85 5.74
O3 FUC L . -4.78 16.47 5.64
O4 FUC L . -3.39 15.33 3.44
O5 FUC L . -2.76 17.78 2.30
C1 FUL M . -2.91 18.72 3.24
C2 FUL M . -3.12 17.99 4.57
O2 FUL M . -3.19 18.88 5.70
C3 FUL M . -4.44 17.18 4.52
O3 FUL M . -4.67 16.47 5.71
C4 FUL M . -4.39 16.33 3.21
O4 FUL M . -3.34 15.34 3.32
C5 FUL M . -4.13 17.15 1.97
C6 FUL M . -3.98 16.33 0.69
O5 FUL M . -2.86 17.85 2.10
O1 FUL M . -1.70 19.52 3.06
O1 PG4 N . 15.80 12.26 -6.14
C1 PG4 N . 15.31 11.98 -4.80
C2 PG4 N . 15.41 13.23 -3.90
O2 PG4 N . 14.09 13.78 -3.71
C3 PG4 N . 14.01 14.86 -2.79
C4 PG4 N . 12.73 15.66 -3.09
O3 PG4 N . 11.56 15.05 -2.50
C1 FUL O . 13.97 11.86 0.43
C2 FUL O . 13.62 11.33 1.80
O2 FUL O . 14.61 11.61 2.85
C3 FUL O . 12.26 11.94 2.26
O3 FUL O . 11.93 11.54 3.54
C4 FUL O . 11.17 11.70 1.22
O4 FUL O . 10.88 10.28 1.14
C5 FUL O . 11.63 12.16 -0.16
C6 FUL O . 10.55 11.93 -1.25
O5 FUL O . 12.86 11.51 -0.46
O1 FUL O . 15.29 11.41 -0.04
#